data_6UOM
#
_entry.id   6UOM
#
_cell.length_a   50.800
_cell.length_b   80.400
_cell.length_c   55.500
_cell.angle_alpha   90.000
_cell.angle_beta   107.900
_cell.angle_gamma   90.000
#
_symmetry.space_group_name_H-M   'P 1 21 1'
#
loop_
_entity.id
_entity.type
_entity.pdbx_description
1 polymer "DNA (5'-D(*CP*CP*GP*AP*CP*AP*GP*CP*GP*CP*AP*TP*CP*AP*GP*C)-3')"
2 polymer "DNA (5'-D(*GP*CP*TP*GP*AP*TP*GP*CP*G)-3')"
3 polymer "DNA (5'-D(P*GP*TP*CP*GP*G)-3')"
4 polymer 'DNA polymerase beta'
5 non-polymer 1,2-ETHANEDIOL
6 non-polymer "2',3'-DIDEOXYCYTIDINE-5'-MONOPHOSPHATE"
7 non-polymer 'SODIUM ION'
8 non-polymer 'MANGANESE (II) ION'
9 non-polymer "8-OXO-GUANOSINE-5'-TRIPHOSPHATE"
10 water water
#
loop_
_entity_poly.entity_id
_entity_poly.type
_entity_poly.pdbx_seq_one_letter_code
_entity_poly.pdbx_strand_id
1 'polydeoxyribonucleotide' (DC)(DC)(DG)(DA)(DC)(DA)(DG)(DC)(DG)(DC)(DA)(DT)(DC)(DA)(DG)(DC) T
2 'polydeoxyribonucleotide' (DG)(DC)(DT)(DG)(DA)(DT)(DG)(DC)(DG) P
3 'polydeoxyribonucleotide' (DG)(DT)(DC)(DG)(DG) D
4 'polypeptide(L)'
;MSKRKAPQETLNGGITDMLTELANFEKNVSQAIHKYNAYRKAASVIAKYPHKIKSGAEAKKLPGVGTKIAEKIDEFLATG
KLRKLEKIRQDDTSSSINFLTRVSGIGPSAARKFVDEGIKTLEDLRKNEDKLNHHQRIGLKYFGDFEKRIPREEMLQMQD
IVLNEVKKVDSEYIATVCGSFRRGAESSGDMDVLLTHPSFTSESTKQPKLLHQVVEQLQKVHFITDTLSKGETKFMGVCQ
LPSKNDEKEYPHRRIDIRLIPKDQYYCGVLGFTGSDIFNKNMRAHALEKGFTINEYTIRPLGVTGVAGEPLPVDSEKDIF
DYIQWKYREPKDRSE
;
A
#
loop_
_chem_comp.id
_chem_comp.type
_chem_comp.name
_chem_comp.formula
8GT non-polymer 8-OXO-GUANOSINE-5'-TRIPHOSPHATE 'C10 H16 N5 O15 P3'
DA DNA linking 2'-DEOXYADENOSINE-5'-MONOPHOSPHATE 'C10 H14 N5 O6 P'
DC DNA linking 2'-DEOXYCYTIDINE-5'-MONOPHOSPHATE 'C9 H14 N3 O7 P'
DG DNA linking 2'-DEOXYGUANOSINE-5'-MONOPHOSPHATE 'C10 H14 N5 O7 P'
DOC DNA linking 2',3'-DIDEOXYCYTIDINE-5'-MONOPHOSPHATE 'C9 H14 N3 O6 P'
DT DNA linking THYMIDINE-5'-MONOPHOSPHATE 'C10 H15 N2 O8 P'
EDO non-polymer 1,2-ETHANEDIOL 'C2 H6 O2'
MN non-polymer 'MANGANESE (II) ION' 'Mn 2'
NA non-polymer 'SODIUM ION' 'Na 1'
#
# COMPACT_ATOMS: atom_id res chain seq x y z
N THR D 10 6.52 8.64 17.02
CA THR D 10 5.55 9.15 17.97
C THR D 10 5.98 10.48 18.55
N LEU D 11 7.23 10.87 18.25
CA LEU D 11 7.75 12.15 18.76
C LEU D 11 6.80 13.30 18.45
N ASN D 12 6.15 13.26 17.29
CA ASN D 12 5.15 14.23 16.91
C ASN D 12 3.87 13.53 16.49
N GLY D 13 3.55 12.43 17.18
CA GLY D 13 2.43 11.60 16.76
C GLY D 13 1.12 12.37 16.72
N GLY D 14 0.95 13.33 17.61
CA GLY D 14 -0.25 14.16 17.59
C GLY D 14 -0.39 14.92 16.28
N ILE D 15 0.69 15.52 15.80
CA ILE D 15 0.64 16.30 14.57
C ILE D 15 0.43 15.40 13.36
N THR D 16 1.18 14.28 13.30
CA THR D 16 1.06 13.41 12.14
C THR D 16 -0.31 12.75 12.09
N ASP D 17 -0.93 12.48 13.24
CA ASP D 17 -2.27 11.94 13.25
C ASP D 17 -3.25 12.94 12.65
N MET D 18 -3.21 14.20 13.10
CA MET D 18 -4.10 15.22 12.58
C MET D 18 -3.96 15.34 11.07
N LEU D 19 -2.73 15.41 10.57
CA LEU D 19 -2.51 15.56 9.14
C LEU D 19 -3.03 14.34 8.38
N THR D 20 -2.90 13.16 8.97
CA THR D 20 -3.40 11.96 8.31
C THR D 20 -4.92 11.95 8.26
N GLU D 21 -5.57 12.43 9.31
CA GLU D 21 -7.03 12.54 9.29
C GLU D 21 -7.48 13.56 8.25
N LEU D 22 -6.79 14.69 8.16
CA LEU D 22 -7.11 15.67 7.12
C LEU D 22 -6.90 15.07 5.73
N ALA D 23 -5.83 14.29 5.55
CA ALA D 23 -5.61 13.66 4.27
C ALA D 23 -6.76 12.73 3.90
N ASN D 24 -7.15 11.85 4.84
CA ASN D 24 -8.25 10.94 4.57
C ASN D 24 -9.54 11.71 4.25
N PHE D 25 -9.77 12.84 4.93
CA PHE D 25 -10.95 13.63 4.63
C PHE D 25 -10.93 14.14 3.19
N GLU D 26 -9.79 14.70 2.77
CA GLU D 26 -9.69 15.22 1.42
C GLU D 26 -9.88 14.11 0.39
N LYS D 27 -9.39 12.91 0.68
CA LYS D 27 -9.53 11.80 -0.26
C LYS D 27 -10.96 11.27 -0.26
N ASN D 28 -11.49 10.91 0.90
CA ASN D 28 -12.76 10.21 0.96
C ASN D 28 -13.95 11.14 0.72
N VAL D 29 -13.95 12.32 1.32
CA VAL D 29 -15.08 13.24 1.28
C VAL D 29 -14.94 14.26 0.17
N SER D 30 -13.82 14.99 0.14
CA SER D 30 -13.62 16.07 -0.83
C SER D 30 -13.22 15.56 -2.21
N GLN D 31 -12.74 14.33 -2.31
CA GLN D 31 -12.22 13.80 -3.58
C GLN D 31 -11.20 14.78 -4.18
N ALA D 32 -10.22 15.15 -3.37
CA ALA D 32 -9.15 16.08 -3.76
C ALA D 32 -7.81 15.36 -3.57
N ILE D 33 -7.43 14.57 -4.58
CA ILE D 33 -6.35 13.61 -4.41
C ILE D 33 -5.00 14.31 -4.21
N HIS D 34 -4.83 15.51 -4.76
CA HIS D 34 -3.56 16.20 -4.59
C HIS D 34 -3.43 16.79 -3.19
N LYS D 35 -4.54 17.20 -2.57
CA LYS D 35 -4.50 17.58 -1.17
C LYS D 35 -4.22 16.38 -0.29
N TYR D 36 -4.78 15.22 -0.63
CA TYR D 36 -4.50 13.99 0.10
C TYR D 36 -3.01 13.70 0.12
N ASN D 37 -2.36 13.75 -1.05
CA ASN D 37 -0.93 13.49 -1.12
C ASN D 37 -0.12 14.58 -0.44
N ALA D 38 -0.58 15.83 -0.52
CA ALA D 38 0.14 16.91 0.17
C ALA D 38 0.14 16.70 1.68
N TYR D 39 -1.02 16.33 2.25
CA TYR D 39 -1.07 16.05 3.68
C TYR D 39 -0.22 14.85 4.04
N ARG D 40 -0.24 13.81 3.20
N ARG D 40 -0.23 13.81 3.20
CA ARG D 40 0.57 12.63 3.47
CA ARG D 40 0.56 12.62 3.47
C ARG D 40 2.06 12.96 3.42
C ARG D 40 2.05 12.93 3.41
N LYS D 41 2.48 13.74 2.44
CA LYS D 41 3.88 14.09 2.32
C LYS D 41 4.35 14.88 3.54
N ALA D 42 3.58 15.89 3.94
CA ALA D 42 3.93 16.66 5.12
C ALA D 42 3.96 15.77 6.36
N ALA D 43 3.01 14.83 6.46
CA ALA D 43 2.99 13.93 7.61
C ALA D 43 4.23 13.03 7.63
N SER D 44 4.66 12.57 6.46
CA SER D 44 5.83 11.69 6.41
C SER D 44 7.10 12.45 6.77
N VAL D 45 7.27 13.67 6.26
CA VAL D 45 8.49 14.43 6.56
C VAL D 45 8.53 14.81 8.03
N ILE D 46 7.38 15.14 8.63
CA ILE D 46 7.34 15.45 10.04
C ILE D 46 7.61 14.20 10.88
N ALA D 47 7.15 13.05 10.41
CA ALA D 47 7.28 11.81 11.19
C ALA D 47 8.74 11.44 11.42
N LYS D 48 9.64 11.80 10.49
CA LYS D 48 11.04 11.48 10.63
C LYS D 48 11.87 12.65 11.18
N TYR D 49 11.30 13.84 11.30
CA TYR D 49 11.97 14.97 11.91
C TYR D 49 12.33 14.61 13.36
N PRO D 50 13.61 14.66 13.75
CA PRO D 50 14.02 14.04 15.02
C PRO D 50 13.94 14.95 16.25
N HIS D 51 13.16 16.01 16.18
CA HIS D 51 12.89 16.85 17.34
C HIS D 51 11.39 16.96 17.57
N LYS D 52 11.02 17.23 18.82
CA LYS D 52 9.62 17.53 19.13
C LYS D 52 9.28 18.92 18.64
N ILE D 53 8.45 18.99 17.59
CA ILE D 53 8.15 20.27 16.97
C ILE D 53 7.55 21.21 18.00
N LYS D 54 8.16 22.39 18.15
CA LYS D 54 7.69 23.38 19.11
C LYS D 54 6.78 24.42 18.49
N SER D 55 6.77 24.55 17.16
CA SER D 55 6.01 25.61 16.52
C SER D 55 5.81 25.27 15.05
N GLY D 56 4.79 25.91 14.45
CA GLY D 56 4.58 25.77 13.03
C GLY D 56 5.68 26.41 12.21
N ALA D 57 6.29 27.48 12.74
CA ALA D 57 7.42 28.10 12.07
C ALA D 57 8.56 27.10 11.90
N GLU D 58 8.87 26.35 12.95
CA GLU D 58 9.89 25.31 12.85
C GLU D 58 9.47 24.24 11.86
N ALA D 59 8.21 23.80 11.94
CA ALA D 59 7.73 22.76 11.03
C ALA D 59 7.82 23.23 9.57
N LYS D 60 7.53 24.51 9.32
CA LYS D 60 7.53 25.02 7.96
C LYS D 60 8.92 24.96 7.32
N LYS D 61 9.98 24.85 8.12
CA LYS D 61 11.32 24.72 7.54
C LYS D 61 11.49 23.42 6.78
N LEU D 62 10.62 22.43 7.01
CA LEU D 62 10.71 21.14 6.34
C LEU D 62 10.03 21.21 4.98
N PRO D 63 10.61 20.57 3.96
CA PRO D 63 10.00 20.62 2.62
C PRO D 63 8.71 19.81 2.58
N GLY D 64 7.64 20.45 2.09
CA GLY D 64 6.32 19.87 2.07
C GLY D 64 5.38 20.45 3.10
N VAL D 65 5.91 21.12 4.12
CA VAL D 65 5.09 21.84 5.10
C VAL D 65 5.08 23.30 4.70
N GLY D 66 3.89 23.83 4.39
CA GLY D 66 3.73 25.19 3.96
C GLY D 66 3.03 26.05 4.99
N THR D 67 2.50 27.18 4.52
CA THR D 67 1.81 28.10 5.42
C THR D 67 0.59 27.45 6.06
N LYS D 68 -0.29 26.88 5.23
CA LYS D 68 -1.56 26.37 5.74
C LYS D 68 -1.34 25.30 6.82
N ILE D 69 -0.44 24.35 6.55
CA ILE D 69 -0.17 23.31 7.53
C ILE D 69 0.52 23.90 8.76
N ALA D 70 1.33 24.94 8.57
CA ALA D 70 1.98 25.59 9.71
C ALA D 70 0.97 26.19 10.66
N GLU D 71 -0.07 26.84 10.12
CA GLU D 71 -1.10 27.40 10.97
C GLU D 71 -1.83 26.32 11.76
N LYS D 72 -2.15 25.20 11.10
CA LYS D 72 -2.85 24.13 11.78
C LYS D 72 -2.00 23.50 12.86
N ILE D 73 -0.68 23.44 12.66
CA ILE D 73 0.20 22.87 13.68
C ILE D 73 0.23 23.77 14.91
N ASP D 74 0.23 25.09 14.72
CA ASP D 74 0.20 26.01 15.85
C ASP D 74 -1.08 25.82 16.66
N GLU D 75 -2.23 25.79 15.99
CA GLU D 75 -3.50 25.57 16.69
C GLU D 75 -3.45 24.29 17.51
N PHE D 76 -2.98 23.20 16.90
CA PHE D 76 -2.97 21.91 17.61
C PHE D 76 -2.07 21.97 18.83
N LEU D 77 -0.92 22.63 18.71
CA LEU D 77 0.02 22.66 19.84
C LEU D 77 -0.50 23.52 20.97
N ALA D 78 -1.35 24.51 20.68
CA ALA D 78 -1.88 25.37 21.73
C ALA D 78 -3.03 24.70 22.47
N THR D 79 -4.00 24.16 21.73
CA THR D 79 -5.21 23.61 22.32
C THR D 79 -5.22 22.10 22.42
N GLY D 80 -4.43 21.41 21.60
CA GLY D 80 -4.50 19.97 21.52
C GLY D 80 -5.58 19.44 20.61
N LYS D 81 -6.26 20.32 19.86
CA LYS D 81 -7.32 19.92 18.95
C LYS D 81 -7.19 20.73 17.67
N LEU D 82 -8.06 20.41 16.71
CA LEU D 82 -8.17 21.18 15.47
C LEU D 82 -9.66 21.34 15.17
N ARG D 83 -10.14 22.58 15.18
CA ARG D 83 -11.57 22.82 15.00
C ARG D 83 -12.08 22.24 13.69
N LYS D 84 -11.31 22.39 12.61
CA LYS D 84 -11.74 21.87 11.32
C LYS D 84 -12.06 20.38 11.41
N LEU D 85 -11.26 19.64 12.18
CA LEU D 85 -11.51 18.20 12.32
C LEU D 85 -12.70 17.93 13.24
N GLU D 86 -12.82 18.72 14.32
CA GLU D 86 -13.95 18.54 15.23
C GLU D 86 -15.28 18.70 14.49
N LYS D 87 -15.35 19.65 13.56
CA LYS D 87 -16.55 19.81 12.76
C LYS D 87 -16.75 18.62 11.82
N ILE D 88 -15.68 18.21 11.13
CA ILE D 88 -15.78 17.07 10.23
C ILE D 88 -16.25 15.83 10.98
N ARG D 89 -15.75 15.63 12.20
CA ARG D 89 -16.12 14.45 12.97
C ARG D 89 -17.60 14.44 13.31
N GLN D 90 -18.23 15.61 13.38
CA GLN D 90 -19.63 15.72 13.77
C GLN D 90 -20.58 15.70 12.58
N ASP D 91 -20.07 15.79 11.35
CA ASP D 91 -20.93 15.78 10.17
C ASP D 91 -21.27 14.33 9.81
N ASP D 92 -22.56 13.99 9.86
CA ASP D 92 -22.95 12.60 9.69
C ASP D 92 -22.62 12.09 8.29
N THR D 93 -22.83 12.91 7.26
CA THR D 93 -22.53 12.46 5.91
C THR D 93 -21.03 12.22 5.73
N SER D 94 -20.21 13.21 6.05
CA SER D 94 -18.76 13.02 6.02
C SER D 94 -18.37 11.83 6.89
N SER D 95 -18.97 11.70 8.06
CA SER D 95 -18.62 10.61 8.96
C SER D 95 -19.02 9.26 8.38
N SER D 96 -20.19 9.19 7.75
CA SER D 96 -20.61 7.94 7.10
C SER D 96 -19.72 7.61 5.91
N ILE D 97 -19.45 8.61 5.07
CA ILE D 97 -18.60 8.38 3.89
C ILE D 97 -17.24 7.87 4.32
N ASN D 98 -16.64 8.49 5.34
CA ASN D 98 -15.34 8.05 5.82
C ASN D 98 -15.38 6.59 6.29
N PHE D 99 -16.46 6.21 6.97
CA PHE D 99 -16.55 4.84 7.47
C PHE D 99 -16.64 3.85 6.32
N LEU D 100 -17.54 4.10 5.36
CA LEU D 100 -17.77 3.13 4.30
C LEU D 100 -16.52 2.89 3.46
N THR D 101 -15.69 3.92 3.28
CA THR D 101 -14.46 3.74 2.50
C THR D 101 -13.49 2.78 3.18
N ARG D 102 -13.69 2.49 4.46
CA ARG D 102 -12.82 1.53 5.15
CA ARG D 102 -12.82 1.53 5.15
C ARG D 102 -13.03 0.10 4.66
N VAL D 103 -14.10 -0.17 3.91
CA VAL D 103 -14.33 -1.48 3.33
C VAL D 103 -13.60 -1.57 2.01
N SER D 104 -12.83 -2.64 1.82
CA SER D 104 -12.05 -2.79 0.60
C SER D 104 -12.98 -2.89 -0.60
N GLY D 105 -12.68 -2.12 -1.64
CA GLY D 105 -13.52 -2.04 -2.81
C GLY D 105 -14.52 -0.90 -2.81
N ILE D 106 -14.82 -0.35 -1.64
CA ILE D 106 -15.67 0.83 -1.53
C ILE D 106 -14.76 2.06 -1.50
N GLY D 107 -14.74 2.81 -2.60
CA GLY D 107 -13.96 4.02 -2.68
C GLY D 107 -14.79 5.25 -2.40
N PRO D 108 -14.18 6.43 -2.50
CA PRO D 108 -14.93 7.67 -2.23
C PRO D 108 -16.21 7.79 -3.03
N SER D 109 -16.19 7.37 -4.31
CA SER D 109 -17.37 7.48 -5.16
C SER D 109 -18.48 6.55 -4.68
N ALA D 110 -18.16 5.26 -4.56
CA ALA D 110 -19.14 4.28 -4.10
C ALA D 110 -19.66 4.64 -2.71
N ALA D 111 -18.77 5.03 -1.80
CA ALA D 111 -19.21 5.40 -0.46
C ALA D 111 -20.27 6.49 -0.50
N ARG D 112 -20.01 7.56 -1.23
CA ARG D 112 -20.99 8.64 -1.33
C ARG D 112 -22.29 8.14 -1.95
N LYS D 113 -22.20 7.31 -2.98
CA LYS D 113 -23.40 6.78 -3.61
C LYS D 113 -24.20 5.92 -2.64
N PHE D 114 -23.51 5.12 -1.82
CA PHE D 114 -24.22 4.30 -0.84
C PHE D 114 -24.88 5.16 0.23
N VAL D 115 -24.17 6.19 0.71
CA VAL D 115 -24.76 7.09 1.70
C VAL D 115 -25.97 7.80 1.12
N ASP D 116 -25.92 8.14 -0.18
CA ASP D 116 -27.04 8.79 -0.81
C ASP D 116 -28.30 7.95 -0.77
N GLU D 117 -28.17 6.62 -0.83
CA GLU D 117 -29.30 5.71 -0.85
C GLU D 117 -29.71 5.23 0.53
N GLY D 118 -29.13 5.79 1.59
CA GLY D 118 -29.48 5.38 2.93
C GLY D 118 -28.66 4.26 3.51
N ILE D 119 -27.63 3.80 2.78
CA ILE D 119 -26.72 2.76 3.27
C ILE D 119 -25.53 3.46 3.92
N LYS D 120 -25.48 3.44 5.25
CA LYS D 120 -24.49 4.25 5.96
C LYS D 120 -23.92 3.58 7.21
N THR D 121 -24.23 2.31 7.47
CA THR D 121 -23.66 1.62 8.61
C THR D 121 -23.27 0.21 8.21
N LEU D 122 -22.46 -0.42 9.05
CA LEU D 122 -22.12 -1.82 8.84
C LEU D 122 -23.38 -2.67 8.74
N GLU D 123 -24.37 -2.38 9.59
CA GLU D 123 -25.64 -3.10 9.53
C GLU D 123 -26.31 -2.93 8.16
N ASP D 124 -26.43 -1.68 7.70
CA ASP D 124 -27.04 -1.43 6.40
C ASP D 124 -26.31 -2.22 5.30
N LEU D 125 -24.98 -2.21 5.33
CA LEU D 125 -24.22 -2.92 4.30
C LEU D 125 -24.57 -4.40 4.29
N ARG D 126 -24.74 -5.00 5.47
CA ARG D 126 -25.03 -6.42 5.55
C ARG D 126 -26.43 -6.73 5.03
N LYS D 127 -27.37 -5.80 5.20
CA LYS D 127 -28.72 -6.00 4.67
C LYS D 127 -28.75 -5.91 3.16
N ASN D 128 -27.84 -5.13 2.56
CA ASN D 128 -27.85 -4.86 1.13
C ASN D 128 -26.66 -5.48 0.42
N GLU D 129 -26.28 -6.70 0.83
CA GLU D 129 -25.19 -7.40 0.18
C GLU D 129 -25.40 -7.49 -1.34
N ASP D 130 -26.66 -7.59 -1.77
CA ASP D 130 -26.96 -7.74 -3.19
C ASP D 130 -26.53 -6.54 -4.00
N LYS D 131 -26.26 -5.40 -3.36
CA LYS D 131 -25.91 -4.17 -4.06
C LYS D 131 -24.41 -3.91 -4.08
N LEU D 132 -23.59 -4.94 -3.81
CA LEU D 132 -22.15 -4.83 -3.83
C LEU D 132 -21.57 -5.69 -4.93
N ASN D 133 -20.46 -5.21 -5.52
CA ASN D 133 -19.73 -6.05 -6.46
C ASN D 133 -18.88 -7.06 -5.66
N HIS D 134 -18.21 -7.96 -6.39
CA HIS D 134 -17.52 -9.06 -5.72
C HIS D 134 -16.46 -8.54 -4.75
N HIS D 135 -15.61 -7.63 -5.22
CA HIS D 135 -14.58 -7.07 -4.35
C HIS D 135 -15.19 -6.52 -3.07
N GLN D 136 -16.20 -5.65 -3.20
CA GLN D 136 -16.81 -5.06 -2.02
C GLN D 136 -17.49 -6.10 -1.16
N ARG D 137 -18.10 -7.12 -1.78
CA ARG D 137 -18.73 -8.19 -1.02
C ARG D 137 -17.72 -8.89 -0.13
N ILE D 138 -16.51 -9.10 -0.62
CA ILE D 138 -15.49 -9.81 0.15
C ILE D 138 -14.89 -8.89 1.21
N GLY D 139 -14.69 -7.61 0.87
CA GLY D 139 -14.20 -6.67 1.86
C GLY D 139 -15.12 -6.56 3.06
N LEU D 140 -16.44 -6.52 2.81
CA LEU D 140 -17.39 -6.52 3.92
C LEU D 140 -17.27 -7.80 4.74
N LYS D 141 -17.22 -8.94 4.06
CA LYS D 141 -17.17 -10.23 4.74
C LYS D 141 -16.06 -10.27 5.79
N TYR D 142 -14.87 -9.79 5.43
CA TYR D 142 -13.71 -9.84 6.32
C TYR D 142 -13.35 -8.47 6.88
N PHE D 143 -14.29 -7.52 6.92
CA PHE D 143 -13.97 -6.17 7.38
C PHE D 143 -13.29 -6.20 8.74
N GLY D 144 -13.85 -6.97 9.69
CA GLY D 144 -13.28 -7.01 11.02
C GLY D 144 -11.86 -7.55 11.02
N ASP D 145 -11.64 -8.66 10.32
CA ASP D 145 -10.31 -9.28 10.30
C ASP D 145 -9.28 -8.38 9.62
N PHE D 146 -9.66 -7.72 8.53
CA PHE D 146 -8.73 -6.85 7.82
C PHE D 146 -8.32 -5.64 8.65
N GLU D 147 -8.98 -5.40 9.79
CA GLU D 147 -8.60 -4.30 10.66
C GLU D 147 -7.38 -4.63 11.53
N LYS D 148 -7.11 -5.91 11.74
CA LYS D 148 -6.01 -6.33 12.61
C LYS D 148 -4.71 -6.39 11.84
N ARG D 149 -3.62 -5.99 12.49
CA ARG D 149 -2.30 -6.10 11.89
C ARG D 149 -1.76 -7.52 12.06
N ILE D 150 -0.67 -7.81 11.36
CA ILE D 150 -0.07 -9.13 11.33
C ILE D 150 1.26 -9.06 12.08
N PRO D 151 1.41 -9.76 13.20
CA PRO D 151 2.74 -9.81 13.85
C PRO D 151 3.76 -10.43 12.90
N ARG D 152 4.99 -9.95 12.97
CA ARG D 152 6.02 -10.45 12.07
C ARG D 152 6.18 -11.95 12.21
N GLU D 153 5.93 -12.52 13.40
CA GLU D 153 6.05 -13.96 13.56
C GLU D 153 5.05 -14.69 12.67
N GLU D 154 3.83 -14.16 12.55
CA GLU D 154 2.86 -14.75 11.63
C GLU D 154 3.26 -14.52 10.18
N MET D 155 3.88 -13.37 9.89
CA MET D 155 4.37 -13.13 8.53
C MET D 155 5.42 -14.15 8.13
N LEU D 156 6.25 -14.58 9.09
CA LEU D 156 7.25 -15.59 8.78
C LEU D 156 6.62 -16.94 8.50
N GLN D 157 5.57 -17.29 9.25
CA GLN D 157 4.82 -18.51 8.96
C GLN D 157 4.21 -18.45 7.57
N MET D 158 3.59 -17.32 7.22
CA MET D 158 2.98 -17.19 5.91
C MET D 158 4.02 -17.25 4.80
N GLN D 159 5.16 -16.58 5.00
CA GLN D 159 6.24 -16.66 4.03
C GLN D 159 6.64 -18.10 3.76
N ASP D 160 6.74 -18.93 4.80
N ASP D 160 6.74 -18.91 4.81
CA ASP D 160 7.15 -20.31 4.61
CA ASP D 160 7.14 -20.31 4.63
C ASP D 160 6.11 -21.08 3.80
C ASP D 160 6.11 -21.07 3.80
N ILE D 161 4.83 -20.89 4.10
CA ILE D 161 3.78 -21.57 3.37
C ILE D 161 3.83 -21.20 1.89
N VAL D 162 3.88 -19.90 1.60
CA VAL D 162 3.83 -19.44 0.21
C VAL D 162 5.04 -19.94 -0.56
N LEU D 163 6.25 -19.71 -0.01
CA LEU D 163 7.46 -20.08 -0.73
C LEU D 163 7.58 -21.58 -0.93
N ASN D 164 7.05 -22.37 0.00
CA ASN D 164 7.14 -23.82 -0.15
C ASN D 164 6.07 -24.35 -1.10
N GLU D 165 4.87 -23.79 -1.05
CA GLU D 165 3.83 -24.19 -1.99
C GLU D 165 4.19 -23.79 -3.41
N VAL D 166 4.88 -22.65 -3.58
CA VAL D 166 5.30 -22.24 -4.91
C VAL D 166 6.35 -23.20 -5.46
N LYS D 167 7.30 -23.61 -4.61
CA LYS D 167 8.29 -24.59 -5.04
C LYS D 167 7.64 -25.88 -5.53
N LYS D 168 6.52 -26.28 -4.91
CA LYS D 168 5.88 -27.54 -5.25
C LYS D 168 5.17 -27.50 -6.61
N VAL D 169 4.90 -26.32 -7.15
CA VAL D 169 4.31 -26.21 -8.48
C VAL D 169 5.38 -26.26 -9.55
N ASP D 170 6.49 -25.57 -9.33
CA ASP D 170 7.61 -25.54 -10.27
C ASP D 170 8.83 -24.92 -9.60
N SER D 171 9.87 -25.73 -9.38
CA SER D 171 11.04 -25.26 -8.66
C SER D 171 11.70 -24.04 -9.30
N GLU D 172 11.27 -23.64 -10.50
CA GLU D 172 11.84 -22.47 -11.15
C GLU D 172 11.24 -21.17 -10.65
N TYR D 173 10.09 -21.22 -9.97
CA TYR D 173 9.53 -20.02 -9.37
C TYR D 173 10.47 -19.46 -8.31
N ILE D 174 10.45 -18.14 -8.17
CA ILE D 174 11.14 -17.46 -7.09
C ILE D 174 10.16 -16.46 -6.51
N ALA D 175 9.67 -16.73 -5.30
CA ALA D 175 8.72 -15.85 -4.63
C ALA D 175 9.45 -15.02 -3.58
N THR D 176 9.26 -13.71 -3.64
CA THR D 176 9.89 -12.78 -2.71
C THR D 176 8.81 -11.98 -2.00
N VAL D 177 8.84 -12.01 -0.67
CA VAL D 177 7.94 -11.17 0.11
C VAL D 177 8.57 -9.78 0.26
N CYS D 178 7.81 -8.75 -0.10
CA CYS D 178 8.28 -7.38 0.00
C CYS D 178 7.38 -6.54 0.90
N GLY D 179 7.03 -5.34 0.43
CA GLY D 179 6.21 -4.55 1.30
C GLY D 179 6.94 -4.25 2.60
N SER D 180 6.14 -3.87 3.60
CA SER D 180 6.68 -3.54 4.92
C SER D 180 7.47 -4.69 5.52
N PHE D 181 7.18 -5.93 5.12
CA PHE D 181 7.95 -7.06 5.64
C PHE D 181 9.42 -6.94 5.25
N ARG D 182 9.69 -6.71 3.96
CA ARG D 182 11.07 -6.54 3.50
C ARG D 182 11.72 -5.32 4.12
N ARG D 183 10.93 -4.33 4.53
CA ARG D 183 11.46 -3.14 5.20
C ARG D 183 11.72 -3.37 6.68
N GLY D 184 11.57 -4.60 7.17
CA GLY D 184 11.89 -4.93 8.54
C GLY D 184 10.84 -4.56 9.55
N ALA D 185 9.59 -4.36 9.13
CA ALA D 185 8.54 -3.97 10.07
C ALA D 185 8.21 -5.11 11.01
N GLU D 186 7.98 -4.77 12.28
CA GLU D 186 7.59 -5.75 13.28
C GLU D 186 6.13 -6.18 13.14
N SER D 187 5.35 -5.47 12.33
CA SER D 187 3.97 -5.85 12.04
C SER D 187 3.59 -5.31 10.69
N SER D 188 2.73 -6.04 9.98
CA SER D 188 2.35 -5.70 8.62
C SER D 188 0.85 -5.61 8.50
N GLY D 189 0.39 -4.74 7.60
CA GLY D 189 -1.02 -4.68 7.28
C GLY D 189 -1.48 -5.82 6.39
N ASP D 190 -0.57 -6.37 5.58
CA ASP D 190 -0.88 -7.47 4.68
C ASP D 190 0.43 -8.14 4.28
N MET D 191 0.35 -9.08 3.34
CA MET D 191 1.51 -9.74 2.78
C MET D 191 1.57 -9.44 1.29
N ASP D 192 2.73 -8.99 0.81
CA ASP D 192 2.95 -8.69 -0.58
C ASP D 192 3.99 -9.65 -1.14
N VAL D 193 3.66 -10.32 -2.24
CA VAL D 193 4.49 -11.37 -2.80
C VAL D 193 4.85 -11.01 -4.23
N LEU D 194 6.13 -11.08 -4.55
N LEU D 194 6.13 -11.06 -4.55
CA LEU D 194 6.63 -10.87 -5.90
CA LEU D 194 6.63 -10.88 -5.90
C LEU D 194 7.04 -12.21 -6.49
C LEU D 194 7.00 -12.24 -6.47
N LEU D 195 6.54 -12.52 -7.68
CA LEU D 195 6.75 -13.82 -8.32
C LEU D 195 7.49 -13.64 -9.64
N THR D 196 8.48 -14.50 -9.87
CA THR D 196 9.17 -14.57 -11.15
C THR D 196 9.28 -16.03 -11.58
N HIS D 197 9.44 -16.22 -12.90
CA HIS D 197 9.62 -17.53 -13.48
C HIS D 197 10.41 -17.32 -14.77
N PRO D 198 11.46 -18.11 -15.00
CA PRO D 198 12.29 -17.89 -16.20
C PRO D 198 11.50 -17.95 -17.50
N SER D 199 10.31 -18.54 -17.50
CA SER D 199 9.48 -18.60 -18.69
C SER D 199 8.86 -17.26 -19.05
N PHE D 200 8.90 -16.28 -18.15
CA PHE D 200 8.24 -14.99 -18.34
C PHE D 200 9.28 -13.89 -18.24
N THR D 201 9.66 -13.33 -19.39
CA THR D 201 10.61 -12.24 -19.47
C THR D 201 10.04 -11.13 -20.34
N SER D 202 10.80 -10.04 -20.43
CA SER D 202 10.39 -8.89 -21.22
C SER D 202 10.46 -9.22 -22.70
N GLU D 203 10.93 -10.43 -23.00
CA GLU D 203 11.13 -10.86 -24.38
C GLU D 203 10.11 -11.89 -24.87
N SER D 204 9.43 -12.58 -23.98
CA SER D 204 8.45 -13.59 -24.40
C SER D 204 7.73 -14.10 -23.16
N THR D 205 6.54 -14.67 -23.39
CA THR D 205 5.77 -15.36 -22.36
C THR D 205 5.63 -16.81 -22.81
N LYS D 206 6.66 -17.61 -22.53
CA LYS D 206 6.72 -18.99 -23.01
C LYS D 206 5.82 -19.94 -22.26
N GLN D 207 5.15 -19.48 -21.20
CA GLN D 207 4.30 -20.35 -20.39
C GLN D 207 3.04 -19.60 -19.99
N PRO D 208 1.86 -20.14 -20.26
CA PRO D 208 0.61 -19.51 -19.80
C PRO D 208 0.19 -20.04 -18.44
N LYS D 209 -0.74 -19.31 -17.82
CA LYS D 209 -1.31 -19.69 -16.53
C LYS D 209 -0.25 -19.74 -15.43
N LEU D 210 0.82 -18.95 -15.58
CA LEU D 210 1.89 -18.95 -14.59
C LEU D 210 1.38 -18.53 -13.22
N LEU D 211 0.62 -17.43 -13.17
CA LEU D 211 0.07 -16.98 -11.90
C LEU D 211 -1.09 -17.87 -11.45
N HIS D 212 -1.96 -18.26 -12.39
CA HIS D 212 -3.10 -19.10 -12.05
C HIS D 212 -2.66 -20.37 -11.34
N GLN D 213 -1.66 -21.07 -11.90
CA GLN D 213 -1.15 -22.28 -11.28
C GLN D 213 -0.84 -22.07 -9.82
N VAL D 214 -0.23 -20.93 -9.48
CA VAL D 214 0.17 -20.68 -8.09
C VAL D 214 -1.08 -20.43 -7.23
N VAL D 215 -2.01 -19.60 -7.72
CA VAL D 215 -3.22 -19.32 -6.96
C VAL D 215 -3.95 -20.62 -6.64
N GLU D 216 -4.14 -21.47 -7.65
CA GLU D 216 -4.87 -22.72 -7.44
C GLU D 216 -4.20 -23.58 -6.38
N GLN D 217 -2.87 -23.66 -6.39
CA GLN D 217 -2.16 -24.45 -5.40
C GLN D 217 -2.40 -23.91 -3.99
N LEU D 218 -2.28 -22.58 -3.82
CA LEU D 218 -2.53 -21.98 -2.52
C LEU D 218 -3.99 -22.14 -2.10
N GLN D 219 -4.91 -22.20 -3.07
CA GLN D 219 -6.30 -22.47 -2.74
C GLN D 219 -6.51 -23.93 -2.37
N LYS D 220 -5.73 -24.84 -2.97
CA LYS D 220 -5.92 -26.26 -2.70
C LYS D 220 -5.63 -26.60 -1.25
N VAL D 221 -4.53 -26.07 -0.70
CA VAL D 221 -4.13 -26.34 0.68
C VAL D 221 -4.81 -25.34 1.62
N HIS D 222 -5.89 -24.72 1.14
CA HIS D 222 -6.73 -23.86 1.97
C HIS D 222 -5.96 -22.71 2.61
N PHE D 223 -4.93 -22.20 1.92
CA PHE D 223 -4.30 -20.97 2.38
C PHE D 223 -5.04 -19.75 1.84
N ILE D 224 -5.25 -19.68 0.53
CA ILE D 224 -6.10 -18.66 -0.06
C ILE D 224 -7.55 -19.07 0.14
N THR D 225 -8.37 -18.14 0.67
CA THR D 225 -9.76 -18.42 0.96
C THR D 225 -10.74 -17.65 0.09
N ASP D 226 -10.32 -16.57 -0.54
CA ASP D 226 -11.21 -15.77 -1.38
C ASP D 226 -10.37 -14.92 -2.31
N THR D 227 -11.04 -14.37 -3.33
CA THR D 227 -10.38 -13.57 -4.35
C THR D 227 -11.06 -12.22 -4.48
N LEU D 228 -10.29 -11.15 -4.38
CA LEU D 228 -10.81 -9.81 -4.65
C LEU D 228 -10.79 -9.51 -6.14
N SER D 229 -9.65 -9.69 -6.78
CA SER D 229 -9.48 -9.52 -8.21
C SER D 229 -8.35 -10.45 -8.65
N LYS D 230 -8.27 -10.68 -9.96
CA LYS D 230 -7.29 -11.64 -10.46
C LYS D 230 -7.11 -11.44 -11.96
N GLY D 231 -5.89 -11.14 -12.38
CA GLY D 231 -5.53 -11.09 -13.78
C GLY D 231 -4.35 -11.98 -14.10
N GLU D 232 -3.78 -11.84 -15.30
CA GLU D 232 -2.69 -12.71 -15.71
C GLU D 232 -1.39 -12.45 -14.96
N THR D 233 -1.25 -11.27 -14.34
CA THR D 233 -0.03 -10.94 -13.63
C THR D 233 -0.24 -10.39 -12.22
N LYS D 234 -1.48 -10.10 -11.80
CA LYS D 234 -1.72 -9.51 -10.49
C LYS D 234 -2.91 -10.19 -9.83
N PHE D 235 -2.70 -10.68 -8.61
CA PHE D 235 -3.75 -11.31 -7.81
C PHE D 235 -3.92 -10.55 -6.50
N MET D 236 -5.17 -10.29 -6.14
CA MET D 236 -5.49 -9.69 -4.85
C MET D 236 -6.59 -10.53 -4.21
N GLY D 237 -6.32 -11.04 -3.02
CA GLY D 237 -7.25 -11.93 -2.35
C GLY D 237 -7.06 -12.01 -0.86
N VAL D 238 -7.43 -13.16 -0.29
CA VAL D 238 -7.50 -13.36 1.14
C VAL D 238 -6.81 -14.65 1.50
N CYS D 239 -6.12 -14.66 2.64
CA CYS D 239 -5.43 -15.84 3.13
C CYS D 239 -5.72 -16.04 4.61
N GLN D 240 -5.30 -17.19 5.11
CA GLN D 240 -5.47 -17.54 6.54
C GLN D 240 -4.50 -18.65 6.94
N LEU D 241 -3.72 -18.41 7.98
CA LEU D 241 -2.88 -19.47 8.52
C LEU D 241 -3.74 -20.60 9.08
N PRO D 242 -3.26 -21.84 8.95
CA PRO D 242 -3.99 -22.95 9.58
C PRO D 242 -3.80 -22.92 11.09
N SER D 243 -4.88 -23.23 11.81
CA SER D 243 -4.86 -23.22 13.26
C SER D 243 -4.58 -24.62 13.79
N LYS D 244 -3.94 -24.70 14.95
CA LYS D 244 -3.64 -25.97 15.59
C LYS D 244 -4.89 -26.50 16.29
N ASN D 245 -4.80 -27.72 16.82
CA ASN D 245 -5.99 -28.41 17.30
C ASN D 245 -6.62 -27.69 18.49
N ASP D 246 -7.86 -27.23 18.32
CA ASP D 246 -8.67 -26.68 19.39
C ASP D 246 -8.40 -25.20 19.62
N GLU D 247 -7.24 -24.71 19.19
CA GLU D 247 -6.98 -23.29 19.32
C GLU D 247 -7.83 -22.50 18.34
N LYS D 248 -8.07 -21.23 18.67
CA LYS D 248 -8.97 -20.41 17.88
C LYS D 248 -8.36 -20.04 16.54
N GLU D 249 -9.23 -19.73 15.57
CA GLU D 249 -8.79 -19.44 14.21
C GLU D 249 -7.99 -18.15 14.15
N TYR D 250 -6.98 -18.12 13.28
CA TYR D 250 -6.27 -16.90 12.99
C TYR D 250 -7.16 -15.95 12.20
N PRO D 251 -6.93 -14.64 12.28
CA PRO D 251 -7.70 -13.71 11.46
C PRO D 251 -7.41 -13.93 9.98
N HIS D 252 -8.41 -13.65 9.15
CA HIS D 252 -8.19 -13.65 7.71
C HIS D 252 -7.36 -12.44 7.30
N ARG D 253 -6.50 -12.63 6.31
CA ARG D 253 -5.51 -11.62 5.94
C ARG D 253 -5.55 -11.32 4.45
N ARG D 254 -5.12 -10.11 4.10
CA ARG D 254 -5.02 -9.69 2.71
C ARG D 254 -3.68 -10.14 2.13
N ILE D 255 -3.70 -10.60 0.89
CA ILE D 255 -2.49 -11.02 0.19
C ILE D 255 -2.54 -10.55 -1.26
N ASP D 256 -1.44 -9.99 -1.73
CA ASP D 256 -1.26 -9.60 -3.12
C ASP D 256 -0.12 -10.41 -3.72
N ILE D 257 -0.32 -10.91 -4.93
CA ILE D 257 0.70 -11.65 -5.67
C ILE D 257 0.83 -11.04 -7.06
N ARG D 258 2.05 -10.70 -7.41
CA ARG D 258 2.35 -9.99 -8.67
C ARG D 258 3.49 -10.68 -9.44
N LEU D 259 3.16 -11.18 -10.62
CA LEU D 259 4.16 -11.83 -11.45
C LEU D 259 4.86 -10.79 -12.32
N ILE D 260 6.19 -10.80 -12.29
CA ILE D 260 7.00 -9.77 -12.95
C ILE D 260 7.97 -10.44 -13.92
N PRO D 261 8.24 -9.83 -15.08
CA PRO D 261 9.28 -10.38 -15.97
C PRO D 261 10.59 -10.57 -15.23
N LYS D 262 11.20 -11.75 -15.40
CA LYS D 262 12.35 -12.12 -14.59
C LYS D 262 13.50 -11.14 -14.79
N ASP D 263 13.72 -10.66 -16.01
CA ASP D 263 14.84 -9.76 -16.24
C ASP D 263 14.60 -8.37 -15.67
N GLN D 264 13.43 -8.11 -15.09
CA GLN D 264 13.11 -6.81 -14.51
C GLN D 264 12.84 -6.93 -13.01
N TYR D 265 13.49 -7.90 -12.36
CA TYR D 265 13.23 -8.17 -10.96
C TYR D 265 13.57 -6.98 -10.08
N TYR D 266 14.68 -6.30 -10.38
CA TYR D 266 15.19 -5.30 -9.45
C TYR D 266 14.31 -4.05 -9.40
N CYS D 267 13.84 -3.56 -10.55
CA CYS D 267 12.87 -2.48 -10.52
C CYS D 267 11.57 -2.93 -9.88
N GLY D 268 11.22 -4.20 -10.02
CA GLY D 268 10.02 -4.71 -9.40
C GLY D 268 10.13 -4.79 -7.89
N VAL D 269 11.25 -5.30 -7.39
CA VAL D 269 11.43 -5.39 -5.94
C VAL D 269 11.56 -4.02 -5.32
N LEU D 270 12.16 -3.07 -6.04
CA LEU D 270 12.21 -1.69 -5.54
C LEU D 270 10.80 -1.10 -5.48
N GLY D 271 9.99 -1.33 -6.51
CA GLY D 271 8.66 -0.76 -6.53
C GLY D 271 7.72 -1.37 -5.50
N PHE D 272 7.79 -2.68 -5.32
CA PHE D 272 6.91 -3.37 -4.39
C PHE D 272 7.42 -3.36 -2.96
N THR D 273 8.66 -2.92 -2.73
CA THR D 273 9.13 -2.75 -1.36
C THR D 273 8.68 -1.41 -0.77
N GLY D 274 8.62 -0.37 -1.59
CA GLY D 274 8.12 0.91 -1.10
C GLY D 274 9.06 1.54 -0.10
N SER D 275 8.49 2.30 0.83
CA SER D 275 7.03 2.45 0.94
C SER D 275 6.42 3.23 -0.23
N ASP D 276 5.10 3.42 -0.17
CA ASP D 276 4.41 4.14 -1.25
C ASP D 276 4.90 5.59 -1.34
N ILE D 277 5.13 6.23 -0.19
CA ILE D 277 5.64 7.60 -0.21
C ILE D 277 7.08 7.62 -0.69
N PHE D 278 7.90 6.66 -0.23
CA PHE D 278 9.27 6.57 -0.72
C PHE D 278 9.30 6.40 -2.23
N ASN D 279 8.39 5.58 -2.77
CA ASN D 279 8.30 5.43 -4.22
C ASN D 279 7.99 6.78 -4.88
N LYS D 280 6.98 7.49 -4.38
CA LYS D 280 6.62 8.77 -4.96
C LYS D 280 7.79 9.74 -4.93
N ASN D 281 8.48 9.83 -3.79
CA ASN D 281 9.61 10.74 -3.68
C ASN D 281 10.72 10.36 -4.66
N MET D 282 11.06 9.07 -4.72
CA MET D 282 12.13 8.63 -5.61
C MET D 282 11.75 8.86 -7.07
N ARG D 283 10.53 8.47 -7.45
CA ARG D 283 10.11 8.63 -8.84
C ARG D 283 10.05 10.10 -9.23
N ALA D 284 9.59 10.96 -8.32
CA ALA D 284 9.60 12.39 -8.60
C ALA D 284 11.02 12.89 -8.80
N HIS D 285 11.98 12.40 -7.99
CA HIS D 285 13.35 12.86 -8.11
C HIS D 285 13.98 12.39 -9.43
N ALA D 286 13.69 11.15 -9.83
CA ALA D 286 14.22 10.66 -11.09
C ALA D 286 13.77 11.53 -12.25
N LEU D 287 12.53 12.04 -12.19
CA LEU D 287 12.08 12.98 -13.21
C LEU D 287 12.91 14.25 -13.18
N GLU D 288 13.18 14.77 -11.98
CA GLU D 288 14.00 15.98 -11.86
C GLU D 288 15.37 15.80 -12.51
N LYS D 289 15.89 14.58 -12.51
CA LYS D 289 17.21 14.29 -13.07
C LYS D 289 17.14 13.66 -14.45
N GLY D 290 15.96 13.55 -15.05
CA GLY D 290 15.84 13.10 -16.43
C GLY D 290 15.63 11.62 -16.63
N PHE D 291 14.81 11.00 -15.78
CA PHE D 291 14.50 9.58 -15.90
C PHE D 291 13.05 9.35 -15.49
N THR D 292 12.53 8.19 -15.88
CA THR D 292 11.21 7.75 -15.46
C THR D 292 11.32 6.31 -14.97
N ILE D 293 10.86 6.07 -13.74
CA ILE D 293 10.97 4.77 -13.10
C ILE D 293 9.58 4.20 -12.86
N ASN D 294 9.36 2.98 -13.31
CA ASN D 294 8.18 2.22 -12.92
C ASN D 294 8.62 0.87 -12.35
N GLU D 295 7.68 -0.02 -12.04
CA GLU D 295 8.06 -1.28 -11.43
C GLU D 295 8.74 -2.23 -12.41
N TYR D 296 8.94 -1.83 -13.65
CA TYR D 296 9.58 -2.67 -14.67
C TYR D 296 10.94 -2.16 -15.10
N THR D 297 11.10 -0.85 -15.29
CA THR D 297 12.31 -0.30 -15.91
C THR D 297 12.55 1.11 -15.40
N ILE D 298 13.74 1.62 -15.70
CA ILE D 298 14.06 3.03 -15.63
C ILE D 298 14.50 3.48 -17.01
N ARG D 299 13.90 4.55 -17.52
CA ARG D 299 14.14 5.00 -18.88
C ARG D 299 14.50 6.47 -18.89
N PRO D 300 15.29 6.90 -19.87
CA PRO D 300 15.65 8.31 -19.98
C PRO D 300 14.58 9.12 -20.70
N LEU D 301 14.45 10.38 -20.27
CA LEU D 301 13.54 11.32 -20.91
C LEU D 301 14.31 12.17 -21.92
N GLY D 302 13.79 12.24 -23.14
CA GLY D 302 14.42 13.01 -24.19
C GLY D 302 14.02 14.47 -24.13
N VAL D 303 14.45 15.21 -25.16
CA VAL D 303 14.12 16.63 -25.26
C VAL D 303 12.63 16.87 -25.13
N THR D 304 11.82 15.88 -25.50
CA THR D 304 10.37 16.00 -25.52
C THR D 304 9.68 15.42 -24.30
N GLY D 305 10.41 14.75 -23.43
CA GLY D 305 9.82 14.07 -22.30
C GLY D 305 9.34 12.67 -22.60
N VAL D 306 9.47 12.21 -23.84
CA VAL D 306 9.10 10.85 -24.20
C VAL D 306 10.17 9.89 -23.70
N ALA D 307 9.73 8.76 -23.13
CA ALA D 307 10.66 7.82 -22.54
C ALA D 307 11.51 7.14 -23.61
N GLY D 308 12.80 7.01 -23.32
CA GLY D 308 13.72 6.29 -24.18
C GLY D 308 13.65 4.80 -23.92
N GLU D 309 14.73 4.11 -24.32
CA GLU D 309 14.77 2.66 -24.12
C GLU D 309 15.25 2.34 -22.71
N PRO D 310 14.84 1.18 -22.18
CA PRO D 310 15.22 0.83 -20.81
C PRO D 310 16.73 0.81 -20.64
N LEU D 311 17.18 1.32 -19.49
CA LEU D 311 18.60 1.32 -19.17
C LEU D 311 19.00 0.02 -18.46
N PRO D 312 20.25 -0.40 -18.62
CA PRO D 312 20.67 -1.67 -17.99
C PRO D 312 20.64 -1.56 -16.48
N VAL D 313 20.05 -2.57 -15.84
CA VAL D 313 19.90 -2.61 -14.39
C VAL D 313 20.20 -4.02 -13.92
N ASP D 314 21.04 -4.15 -12.88
CA ASP D 314 21.38 -5.44 -12.32
C ASP D 314 21.35 -5.45 -10.80
N SER D 315 20.86 -4.38 -10.18
CA SER D 315 20.74 -4.32 -8.73
C SER D 315 19.86 -3.13 -8.37
N GLU D 316 19.34 -3.15 -7.15
CA GLU D 316 18.60 -1.99 -6.66
C GLU D 316 19.48 -0.74 -6.69
N LYS D 317 20.77 -0.90 -6.40
CA LYS D 317 21.66 0.25 -6.32
C LYS D 317 21.81 0.94 -7.66
N ASP D 318 21.89 0.16 -8.74
CA ASP D 318 22.03 0.75 -10.08
C ASP D 318 20.97 1.83 -10.31
N ILE D 319 19.72 1.53 -9.94
CA ILE D 319 18.65 2.51 -10.10
C ILE D 319 18.96 3.77 -9.29
N PHE D 320 19.50 3.60 -8.08
CA PHE D 320 19.88 4.75 -7.27
C PHE D 320 20.99 5.54 -7.95
N ASP D 321 21.94 4.84 -8.58
CA ASP D 321 23.06 5.52 -9.23
C ASP D 321 22.58 6.42 -10.36
N TYR D 322 21.70 5.91 -11.22
CA TYR D 322 21.25 6.68 -12.37
C TYR D 322 20.71 8.05 -11.98
N ILE D 323 20.09 8.15 -10.80
CA ILE D 323 19.46 9.39 -10.37
C ILE D 323 20.29 10.11 -9.30
N GLN D 324 21.51 9.66 -9.05
CA GLN D 324 22.42 10.33 -8.13
C GLN D 324 21.88 10.33 -6.71
N TRP D 325 21.41 9.17 -6.27
CA TRP D 325 20.98 8.96 -4.89
C TRP D 325 21.90 7.94 -4.24
N LYS D 326 22.38 8.26 -3.04
CA LYS D 326 23.12 7.27 -2.27
C LYS D 326 22.18 6.14 -1.87
N TYR D 327 22.63 4.90 -2.03
CA TYR D 327 21.76 3.76 -1.79
C TYR D 327 21.20 3.80 -0.37
N ARG D 328 19.94 3.35 -0.24
CA ARG D 328 19.27 3.30 1.04
C ARG D 328 18.70 1.89 1.24
N GLU D 329 19.06 1.28 2.37
CA GLU D 329 18.57 -0.04 2.68
C GLU D 329 17.04 -0.02 2.79
N PRO D 330 16.38 -1.16 2.52
CA PRO D 330 14.92 -1.20 2.66
C PRO D 330 14.42 -0.70 4.01
N LYS D 331 15.10 -1.06 5.11
CA LYS D 331 14.71 -0.58 6.42
C LYS D 331 14.63 0.93 6.51
N ASP D 332 15.34 1.65 5.63
CA ASP D 332 15.37 3.10 5.63
C ASP D 332 14.48 3.71 4.53
N ARG D 333 13.50 2.96 4.03
CA ARG D 333 12.60 3.43 2.98
C ARG D 333 11.15 3.52 3.46
N SER D 334 10.93 3.42 4.76
CA SER D 334 9.59 3.46 5.37
C SER D 334 9.19 4.92 5.64
N GLU D 335 9.01 5.67 4.56
CA GLU D 335 8.59 7.07 4.67
C GLU D 335 7.07 7.16 4.69
C1 EDO E . -2.34 27.70 -7.97
O1 EDO E . -2.35 26.81 -6.88
C2 EDO E . -3.21 27.16 -9.11
O2 EDO E . -2.59 26.03 -9.66
H11 EDO E . -1.43 27.82 -8.29
H12 EDO E . -2.70 28.55 -7.68
HO1 EDO E . -2.94 27.05 -6.33
H21 EDO E . -3.31 27.83 -9.79
H22 EDO E . -4.07 26.90 -8.76
HO2 EDO E . -3.18 25.51 -9.97
N1 DOC F . -2.17 1.40 -4.58
C2 DOC F . -1.65 1.87 -5.73
N3 DOC F . -1.81 3.13 -6.15
C4 DOC F . -2.55 3.94 -5.37
C5 DOC F . -3.11 3.52 -4.19
C6 DOC F . -2.90 2.22 -3.81
O2 DOC F . -0.99 1.10 -6.42
N4 DOC F . -2.70 5.19 -5.80
C1' DOC F . -1.99 0.01 -4.14
C2' DOC F . -0.53 -0.27 -3.73
C3' DOC F . -0.69 -1.25 -2.54
C4' DOC F . -2.23 -1.48 -2.44
O4' DOC F . -2.79 -0.26 -2.97
C5' DOC F . -2.67 -1.68 -0.98
O5' DOC F . -3.90 -1.01 -0.63
P DOC F . -5.10 -2.09 -0.57
OP1 DOC F . -6.12 -1.76 0.45
OP2 DOC F . -4.60 -3.52 -0.46
C1 EDO G . -9.91 25.90 2.56
O1 EDO G . -9.58 26.49 3.79
C2 EDO G . -8.81 26.18 1.55
O2 EDO G . -9.03 25.45 0.38
H11 EDO G . -10.00 24.94 2.68
H12 EDO G . -10.75 26.26 2.24
HO1 EDO G . -9.72 25.94 4.42
H21 EDO G . -8.81 27.13 1.33
H22 EDO G . -7.96 25.94 1.92
HO2 EDO G . -8.30 25.15 0.08
NA NA H . -12.11 1.25 0.59
NA NA I . 8.45 24.06 4.00
MN MN J . 1.95 -4.64 2.44
MN MN K . -0.21 -4.93 -0.47
NA NA L . -12.30 -14.66 9.88
NA NA M . -1.98 -0.95 4.85
PG 8GT N . 1.43 -2.38 5.17
O1G 8GT N . 1.02 -3.59 4.38
O2G 8GT N . 0.19 -1.65 5.67
O3G 8GT N . 2.29 -2.82 6.36
O3B 8GT N . 2.29 -1.41 4.23
PB 8GT N . 3.20 -1.68 2.88
O1B 8GT N . 3.59 -3.14 2.81
O2B 8GT N . 4.49 -0.82 2.96
O3A 8GT N . 2.35 -1.26 1.54
PA 8GT N . 0.98 -1.90 0.85
O1A 8GT N . -0.16 -0.94 1.04
O2A 8GT N . 0.64 -3.25 1.54
O5' 8GT N . 1.24 -2.15 -0.75
C5' 8GT N . 2.35 -2.98 -1.12
C4' 8GT N . 3.42 -2.13 -1.85
O4' 8GT N . 2.85 -1.41 -2.97
C3' 8GT N . 3.90 -0.92 -1.04
O3' 8GT N . 4.96 -1.22 -0.12
C2' 8GT N . 4.40 -0.03 -2.17
O2' 8GT N . 5.76 -0.33 -2.47
C1' 8GT N . 3.69 -0.31 -3.25
N9 8GT N . 2.94 0.88 -3.56
C8 8GT N . 3.19 1.80 -4.74
N7 8GT N . 2.31 2.81 -4.68
C5 8GT N . 1.46 2.64 -3.53
C6 8GT N . 0.39 3.40 -3.03
O6 8GT N . 0.04 4.44 -3.64
N1 8GT N . -0.25 3.02 -1.92
C2 8GT N . 0.18 1.89 -1.31
N2 8GT N . -0.48 1.53 -0.21
N3 8GT N . 1.19 1.09 -1.71
C4 8GT N . 1.84 1.46 -2.83
O8 8GT N . 4.03 1.65 -5.56
H5'1 8GT N . 2.75 -3.36 -0.31
H5'2 8GT N . 2.05 -3.69 -1.70
H4' 8GT N . 4.17 -2.67 -2.14
H3' 8GT N . 3.15 -0.50 -0.58
H2 8GT N . 5.36 -1.94 -0.37
H1 8GT N . 4.30 0.92 -1.95
H2' 8GT N . 5.81 -0.69 -3.24
H1' 8GT N . 4.28 -0.52 -3.99
HN7 8GT N . 2.25 3.45 -5.25
HN1 8GT N . -0.91 3.48 -1.61
HN21 8GT N . -0.24 0.82 0.22
HN22 8GT N . -1.13 2.01 0.08
#